data_8B0Z
#
_entry.id   8B0Z
#
_cell.length_a   43.246
_cell.length_b   58.306
_cell.length_c   111.555
_cell.angle_alpha   90.000
_cell.angle_beta   90.000
_cell.angle_gamma   90.000
#
_symmetry.space_group_name_H-M   'P 21 21 21'
#
loop_
_entity.id
_entity.type
_entity.pdbx_description
1 polymer Galectin-1
2 polymer Galectin-1
3 non-polymer BETA-MERCAPTOETHANOL
4 non-polymer ~{N}-[(2~{R},3~{R},4~{R},5~{S},6~{R})-6-(hydroxymethyl)-5-[(2~{S},3~{R},4~{S},5~{S},6~{R})-6-(hydroxymethyl)-4-[(1-methyl-1,2,3-triazol-4-yl)methoxy]-3,5-bis(oxidanyl)oxan-2-yl]oxy-4-oxidanyl-2-propoxy-oxan-3-yl]ethanamide
5 non-polymer 'SULFATE ION'
6 water water
#
loop_
_entity_poly.entity_id
_entity_poly.type
_entity_poly.pdbx_seq_one_letter_code
_entity_poly.pdbx_strand_id
1 'polypeptide(L)'
;CGLVASNLNLKPGECLRVRGEVAPDAKSFVLNLGKDSNNLCLHFNPRFNAHGDANTIVCNSKDGGAWGTEQREAVFPFQP
GSVAEV(CME)ITFDQANLTVKLPDGYEFKFPNRLNLEAINYMAADGDFKIK(CME)VAFD
;
A
2 'polypeptide(L)'
;CGLVASNLNLKPGE(CME)LRVRGEVAPDAKSFVLNLGKDSNNLCLHFNPRFNAHGDANTIVCNSKDGGAWGTEQREAVF
PFQPGSVAEV(CME)ITFDQANLTVKLPDGYEFKFPNRLNLEAINYMAADGDFKIK(CME)VAFD
;
B
#
# COMPACT_ATOMS: atom_id res chain seq x y z
N CYS A 1 1.99 -4.86 -14.06
CA CYS A 1 1.10 -4.15 -13.16
C CYS A 1 1.56 -4.22 -11.70
N GLY A 2 1.71 -3.05 -11.09
CA GLY A 2 2.27 -2.91 -9.78
C GLY A 2 1.23 -2.69 -8.70
N LEU A 3 1.71 -2.23 -7.56
N LEU A 3 1.72 -2.26 -7.54
CA LEU A 3 0.90 -2.11 -6.36
CA LEU A 3 0.88 -2.03 -6.38
C LEU A 3 -0.34 -1.26 -6.59
C LEU A 3 -0.40 -1.32 -6.78
N VAL A 4 -1.49 -1.76 -6.17
CA VAL A 4 -2.76 -1.04 -6.19
C VAL A 4 -3.25 -0.89 -4.78
N ALA A 5 -3.56 0.29 -4.32
CA ALA A 5 -4.08 0.48 -2.98
C ALA A 5 -5.40 1.23 -3.08
N SER A 6 -6.38 0.82 -2.32
CA SER A 6 -7.67 1.46 -2.24
C SER A 6 -8.03 1.72 -0.77
N ASN A 7 -9.11 2.46 -0.57
CA ASN A 7 -9.50 2.97 0.73
C ASN A 7 -8.44 3.84 1.37
N LEU A 8 -7.71 4.61 0.59
CA LEU A 8 -6.62 5.38 1.17
C LEU A 8 -7.14 6.50 2.05
N ASN A 9 -8.29 7.08 1.72
CA ASN A 9 -8.86 8.16 2.50
C ASN A 9 -7.85 9.29 2.73
N LEU A 10 -7.10 9.63 1.69
CA LEU A 10 -6.15 10.73 1.80
C LEU A 10 -6.93 12.04 1.70
N LYS A 11 -6.89 12.84 2.76
CA LYS A 11 -7.65 14.07 2.80
C LYS A 11 -6.81 15.25 2.35
N PRO A 12 -7.45 16.36 1.99
CA PRO A 12 -6.70 17.54 1.57
C PRO A 12 -5.65 17.92 2.59
N GLY A 13 -4.46 18.23 2.08
CA GLY A 13 -3.36 18.65 2.91
C GLY A 13 -2.49 17.53 3.45
N GLU A 14 -3.00 16.30 3.49
CA GLU A 14 -2.21 15.16 3.91
C GLU A 14 -1.25 14.76 2.80
N CYS A 15 -0.11 14.19 3.19
CA CYS A 15 0.97 13.88 2.26
C CYS A 15 1.04 12.38 2.00
N LEU A 16 1.06 12.01 0.73
CA LEU A 16 1.32 10.64 0.30
C LEU A 16 2.74 10.58 -0.23
N ARG A 17 3.56 9.70 0.36
CA ARG A 17 4.96 9.54 -0.04
C ARG A 17 5.17 8.14 -0.62
N VAL A 18 5.81 8.05 -1.76
CA VAL A 18 6.06 6.77 -2.43
C VAL A 18 7.52 6.73 -2.81
N ARG A 19 8.25 5.73 -2.36
CA ARG A 19 9.64 5.54 -2.73
C ARG A 19 9.78 4.26 -3.53
N GLY A 20 10.54 4.29 -4.63
CA GLY A 20 10.70 3.13 -5.48
C GLY A 20 12.05 3.13 -6.17
N GLU A 21 12.37 2.00 -6.76
CA GLU A 21 13.59 1.84 -7.54
C GLU A 21 13.26 1.92 -9.02
N VAL A 22 13.91 2.86 -9.71
CA VAL A 22 13.73 3.01 -11.16
C VAL A 22 14.62 1.98 -11.84
N ALA A 23 14.05 1.18 -12.74
CA ALA A 23 14.80 0.08 -13.35
C ALA A 23 15.99 0.63 -14.13
N PRO A 24 17.10 -0.11 -14.21
CA PRO A 24 18.29 0.40 -14.92
C PRO A 24 18.03 0.66 -16.39
N ASP A 25 17.09 -0.06 -17.00
CA ASP A 25 16.70 0.19 -18.40
C ASP A 25 15.30 0.75 -18.51
N ALA A 26 14.89 1.55 -17.51
CA ALA A 26 13.52 2.05 -17.47
C ALA A 26 13.16 2.80 -18.74
N LYS A 27 11.94 2.59 -19.20
CA LYS A 27 11.35 3.38 -20.26
C LYS A 27 10.31 4.35 -19.73
N SER A 28 9.53 3.97 -18.71
N SER A 28 9.57 3.97 -18.70
CA SER A 28 8.38 4.73 -18.27
CA SER A 28 8.58 4.85 -18.12
C SER A 28 7.81 4.10 -17.01
C SER A 28 7.99 4.15 -16.91
N PHE A 29 7.31 4.94 -16.10
CA PHE A 29 6.49 4.45 -15.00
C PHE A 29 5.30 5.38 -14.81
N VAL A 30 4.33 4.87 -14.08
CA VAL A 30 3.08 5.56 -13.85
C VAL A 30 2.71 5.44 -12.39
N LEU A 31 2.34 6.54 -11.79
N LEU A 31 2.21 6.55 -11.83
CA LEU A 31 1.55 6.55 -10.58
CA LEU A 31 1.55 6.58 -10.52
C LEU A 31 0.21 7.19 -10.92
C LEU A 31 0.20 7.27 -10.69
N ASN A 32 -0.87 6.49 -10.61
CA ASN A 32 -2.22 6.95 -10.82
C ASN A 32 -2.86 7.20 -9.48
N LEU A 33 -3.50 8.32 -9.29
CA LEU A 33 -4.20 8.61 -8.07
C LEU A 33 -5.62 9.08 -8.37
N GLY A 34 -6.56 8.72 -7.56
CA GLY A 34 -7.91 9.21 -7.75
C GLY A 34 -8.90 8.47 -6.90
N LYS A 35 -10.06 8.17 -7.49
CA LYS A 35 -11.13 7.45 -6.84
C LYS A 35 -11.09 5.98 -7.18
N ASP A 36 -10.83 5.67 -8.42
CA ASP A 36 -10.79 4.33 -8.97
C ASP A 36 -10.15 4.44 -10.35
N SER A 37 -10.08 3.31 -11.02
CA SER A 37 -9.32 3.25 -12.26
C SER A 37 -9.89 4.12 -13.37
N ASN A 38 -11.17 4.53 -13.29
CA ASN A 38 -11.80 5.38 -14.30
C ASN A 38 -11.82 6.84 -13.92
N ASN A 39 -11.36 7.19 -12.74
CA ASN A 39 -11.51 8.53 -12.20
C ASN A 39 -10.20 8.87 -11.48
N LEU A 40 -9.30 9.50 -12.21
CA LEU A 40 -7.94 9.80 -11.75
C LEU A 40 -7.78 11.31 -11.69
N CYS A 41 -7.55 11.83 -10.50
CA CYS A 41 -7.18 13.23 -10.42
C CYS A 41 -5.73 13.43 -10.89
N LEU A 42 -4.88 12.39 -10.86
CA LEU A 42 -3.54 12.56 -11.35
C LEU A 42 -3.03 11.26 -11.96
N HIS A 43 -2.70 11.26 -13.20
CA HIS A 43 -1.93 10.25 -13.90
C HIS A 43 -0.56 10.88 -14.08
N PHE A 44 0.42 10.35 -13.37
CA PHE A 44 1.77 10.90 -13.29
C PHE A 44 2.67 9.94 -14.03
N ASN A 45 3.25 10.33 -15.16
CA ASN A 45 3.92 9.41 -16.06
C ASN A 45 5.26 9.96 -16.53
N PRO A 46 6.32 9.75 -15.75
CA PRO A 46 7.67 10.02 -16.25
C PRO A 46 8.02 9.07 -17.38
N ARG A 47 8.37 9.66 -18.54
CA ARG A 47 8.75 8.92 -19.73
C ARG A 47 10.24 9.15 -19.94
N PHE A 48 11.03 8.10 -19.71
CA PHE A 48 12.44 8.15 -20.01
C PHE A 48 12.65 8.07 -21.51
N ASN A 49 12.02 7.08 -22.14
CA ASN A 49 12.09 6.90 -23.59
C ASN A 49 10.84 6.07 -23.92
N ALA A 50 9.74 6.76 -24.17
CA ALA A 50 8.46 6.10 -24.40
C ALA A 50 7.53 7.07 -25.12
N HIS A 51 6.74 6.54 -26.05
CA HIS A 51 5.75 7.34 -26.79
C HIS A 51 6.41 8.48 -27.57
N GLY A 52 7.64 8.28 -28.02
CA GLY A 52 8.39 9.30 -28.72
C GLY A 52 8.97 10.38 -27.83
N ASP A 53 8.79 10.28 -26.52
CA ASP A 53 9.23 11.29 -25.57
C ASP A 53 10.48 10.82 -24.85
N ALA A 54 11.33 11.78 -24.51
CA ALA A 54 12.59 11.50 -23.82
C ALA A 54 12.65 12.39 -22.59
N ASN A 55 12.89 11.79 -21.45
CA ASN A 55 13.06 12.52 -20.19
C ASN A 55 12.04 13.63 -20.02
N THR A 56 10.76 13.23 -20.11
CA THR A 56 9.65 14.15 -19.95
C THR A 56 8.60 13.56 -19.01
N ILE A 57 8.14 14.37 -18.08
CA ILE A 57 7.03 14.00 -17.22
C ILE A 57 5.75 14.42 -17.93
N VAL A 58 4.88 13.46 -18.17
CA VAL A 58 3.54 13.68 -18.73
C VAL A 58 2.55 13.51 -17.60
N CYS A 59 1.62 14.42 -17.47
CA CYS A 59 0.55 14.34 -16.51
C CYS A 59 -0.80 14.49 -17.20
N ASN A 60 -1.83 13.85 -16.66
CA ASN A 60 -3.19 14.01 -17.17
C ASN A 60 -4.15 13.63 -16.06
N SER A 61 -5.42 13.88 -16.31
CA SER A 61 -6.54 13.38 -15.49
C SER A 61 -7.37 12.42 -16.33
N LYS A 62 -8.24 11.68 -15.64
CA LYS A 62 -9.22 10.80 -16.28
C LYS A 62 -10.52 10.97 -15.53
N ASP A 63 -11.58 11.34 -16.24
CA ASP A 63 -12.86 11.61 -15.58
C ASP A 63 -13.91 10.73 -16.22
N GLY A 64 -14.47 9.82 -15.43
CA GLY A 64 -15.48 8.93 -16.01
C GLY A 64 -14.97 8.19 -17.22
N GLY A 65 -13.71 7.76 -17.21
CA GLY A 65 -13.13 7.03 -18.32
C GLY A 65 -12.48 7.89 -19.39
N ALA A 66 -12.69 9.19 -19.38
CA ALA A 66 -12.20 10.06 -20.44
C ALA A 66 -10.92 10.76 -20.00
N TRP A 67 -9.88 10.58 -20.78
CA TRP A 67 -8.63 11.30 -20.54
C TRP A 67 -8.84 12.78 -20.76
N GLY A 68 -8.27 13.58 -19.89
CA GLY A 68 -8.29 15.02 -20.03
C GLY A 68 -7.21 15.53 -20.96
N THR A 69 -6.94 16.83 -20.82
CA THR A 69 -5.88 17.49 -21.58
C THR A 69 -4.51 17.27 -20.91
N GLU A 70 -3.64 16.59 -21.62
CA GLU A 70 -2.30 16.30 -21.15
C GLU A 70 -1.49 17.55 -20.94
N GLN A 71 -0.59 17.51 -19.96
CA GLN A 71 0.38 18.57 -19.75
C GLN A 71 1.73 17.95 -19.53
N ARG A 72 2.76 18.64 -19.95
CA ARG A 72 4.14 18.21 -19.75
C ARG A 72 4.92 19.18 -18.88
N GLU A 73 5.78 18.65 -18.05
CA GLU A 73 6.62 19.47 -17.18
C GLU A 73 8.00 19.70 -17.79
N ALA A 74 8.76 20.59 -17.16
CA ALA A 74 9.99 21.08 -17.76
C ALA A 74 11.26 20.52 -17.14
N VAL A 75 11.18 19.76 -16.07
N VAL A 75 11.15 19.70 -16.08
CA VAL A 75 12.37 19.11 -15.58
CA VAL A 75 12.28 19.16 -15.32
C VAL A 75 12.09 17.63 -15.45
C VAL A 75 12.07 17.67 -15.14
N PHE A 76 13.15 16.89 -15.18
CA PHE A 76 13.08 15.45 -15.13
C PHE A 76 14.09 14.95 -14.13
N PRO A 77 13.73 14.96 -12.85
CA PRO A 77 14.68 14.62 -11.78
C PRO A 77 14.68 13.14 -11.45
N PHE A 78 14.77 12.29 -12.47
CA PHE A 78 14.83 10.83 -12.32
C PHE A 78 15.98 10.33 -13.16
N GLN A 79 16.59 9.24 -12.71
CA GLN A 79 17.69 8.59 -13.40
C GLN A 79 17.44 7.09 -13.40
N PRO A 80 17.50 6.40 -14.53
CA PRO A 80 17.44 4.94 -14.51
C PRO A 80 18.46 4.36 -13.53
N GLY A 81 18.07 3.30 -12.83
CA GLY A 81 18.98 2.62 -11.93
C GLY A 81 19.16 3.28 -10.60
N SER A 82 18.20 4.06 -10.15
CA SER A 82 18.34 4.77 -8.89
C SER A 82 17.00 4.80 -8.16
N VAL A 83 17.07 5.11 -6.90
CA VAL A 83 15.89 5.23 -6.04
C VAL A 83 15.36 6.63 -6.15
N ALA A 84 14.04 6.74 -6.15
CA ALA A 84 13.37 8.04 -6.20
C ALA A 84 12.17 8.06 -5.29
N GLU A 85 11.96 9.18 -4.62
CA GLU A 85 10.76 9.43 -3.83
C GLU A 85 9.89 10.48 -4.50
N VAL A 86 8.60 10.25 -4.48
CA VAL A 86 7.59 11.19 -4.92
C VAL A 86 6.65 11.48 -3.78
N ILE A 88 3.09 13.66 -2.71
CA ILE A 88 1.91 14.29 -3.31
C ILE A 88 0.94 14.71 -2.25
N THR A 89 0.39 15.92 -2.45
N THR A 89 0.45 15.96 -2.41
CA THR A 89 -0.69 16.45 -1.62
CA THR A 89 -0.66 16.49 -1.62
C THR A 89 -1.60 17.26 -2.52
C THR A 89 -1.69 17.10 -2.58
N PHE A 90 -2.80 17.54 -2.02
CA PHE A 90 -3.80 18.22 -2.85
C PHE A 90 -4.70 19.10 -2.00
N ASP A 91 -5.29 20.09 -2.65
CA ASP A 91 -6.41 20.89 -2.16
C ASP A 91 -7.45 20.93 -3.28
N GLN A 92 -8.52 21.74 -3.15
CA GLN A 92 -9.52 21.71 -4.19
C GLN A 92 -9.00 22.28 -5.51
N ALA A 93 -7.98 23.14 -5.47
CA ALA A 93 -7.49 23.78 -6.67
C ALA A 93 -6.43 22.96 -7.40
N ASN A 94 -5.47 22.39 -6.69
CA ASN A 94 -4.35 21.75 -7.34
C ASN A 94 -3.87 20.53 -6.55
N LEU A 95 -3.24 19.63 -7.27
CA LEU A 95 -2.33 18.68 -6.65
C LEU A 95 -0.94 19.30 -6.69
N THR A 96 -0.17 19.10 -5.61
CA THR A 96 1.24 19.52 -5.57
C THR A 96 2.09 18.27 -5.54
N VAL A 97 3.00 18.16 -6.51
CA VAL A 97 3.88 17.01 -6.67
C VAL A 97 5.29 17.46 -6.37
N LYS A 98 5.91 16.87 -5.36
CA LYS A 98 7.27 17.17 -4.93
C LYS A 98 8.16 16.00 -5.28
N LEU A 99 9.25 16.29 -5.96
CA LEU A 99 10.11 15.29 -6.59
C LEU A 99 11.52 15.41 -6.06
N PRO A 100 12.43 14.56 -6.49
CA PRO A 100 13.83 14.70 -6.07
C PRO A 100 14.43 16.00 -6.58
N ASP A 101 15.64 16.31 -6.09
CA ASP A 101 16.43 17.43 -6.58
C ASP A 101 15.70 18.77 -6.40
N GLY A 102 14.83 18.82 -5.40
CA GLY A 102 14.12 20.01 -5.00
C GLY A 102 12.97 20.44 -5.90
N TYR A 103 12.64 19.68 -6.94
CA TYR A 103 11.67 20.12 -7.91
C TYR A 103 10.26 19.85 -7.42
N GLU A 104 9.38 20.80 -7.67
CA GLU A 104 7.98 20.73 -7.29
C GLU A 104 7.15 21.33 -8.40
N PHE A 105 5.94 20.82 -8.62
CA PHE A 105 5.01 21.45 -9.57
C PHE A 105 3.59 21.18 -9.12
N LYS A 106 2.66 21.97 -9.65
CA LYS A 106 1.23 21.81 -9.41
C LYS A 106 0.55 21.32 -10.68
N PHE A 107 -0.49 20.52 -10.51
CA PHE A 107 -1.32 20.03 -11.60
C PHE A 107 -2.75 20.31 -11.18
N PRO A 108 -3.55 20.93 -12.05
CA PRO A 108 -4.91 21.30 -11.65
C PRO A 108 -5.72 20.09 -11.23
N ASN A 109 -6.49 20.27 -10.16
CA ASN A 109 -7.40 19.25 -9.66
C ASN A 109 -8.72 19.38 -10.42
N ARG A 110 -8.90 18.56 -11.45
CA ARG A 110 -10.04 18.68 -12.37
C ARG A 110 -11.22 17.82 -11.96
N LEU A 111 -11.07 16.94 -10.99
CA LEU A 111 -12.18 16.16 -10.46
C LEU A 111 -12.65 16.86 -9.20
N ASN A 112 -13.69 16.32 -8.57
CA ASN A 112 -14.21 16.97 -7.37
C ASN A 112 -13.95 16.19 -6.09
N LEU A 113 -12.99 15.27 -6.09
CA LEU A 113 -12.99 14.24 -5.06
C LEU A 113 -12.84 14.82 -3.65
N GLU A 114 -13.63 14.26 -2.71
CA GLU A 114 -13.47 14.67 -1.31
C GLU A 114 -12.14 14.17 -0.75
N ALA A 115 -11.71 12.99 -1.20
CA ALA A 115 -10.48 12.37 -0.75
C ALA A 115 -9.91 11.59 -1.92
N ILE A 116 -8.60 11.33 -1.87
CA ILE A 116 -7.97 10.41 -2.81
C ILE A 116 -7.99 9.05 -2.16
N ASN A 117 -8.68 8.12 -2.79
CA ASN A 117 -8.90 6.80 -2.22
C ASN A 117 -8.17 5.68 -2.95
N TYR A 118 -7.54 5.94 -4.07
CA TYR A 118 -7.00 4.93 -4.97
C TYR A 118 -5.66 5.36 -5.48
N MET A 119 -4.70 4.43 -5.50
N MET A 119 -4.69 4.45 -5.39
CA MET A 119 -3.41 4.66 -6.10
CA MET A 119 -3.40 4.54 -6.03
C MET A 119 -2.93 3.36 -6.75
C MET A 119 -3.17 3.29 -6.85
N ALA A 120 -2.52 3.44 -8.01
CA ALA A 120 -1.98 2.31 -8.72
C ALA A 120 -0.65 2.69 -9.30
N ALA A 121 0.31 1.80 -9.21
CA ALA A 121 1.61 1.99 -9.79
C ALA A 121 1.78 0.99 -10.92
N ASP A 122 2.48 1.40 -11.97
CA ASP A 122 2.75 0.54 -13.09
C ASP A 122 4.11 0.91 -13.66
N GLY A 123 4.68 0.01 -14.41
CA GLY A 123 5.86 0.31 -15.17
C GLY A 123 7.12 0.07 -14.40
N ASP A 124 8.17 0.78 -14.82
CA ASP A 124 9.54 0.42 -14.47
C ASP A 124 9.99 1.06 -13.16
N PHE A 125 9.20 0.87 -12.09
CA PHE A 125 9.41 1.51 -10.80
C PHE A 125 8.95 0.52 -9.72
N LYS A 126 9.88 -0.05 -8.97
CA LYS A 126 9.58 -1.04 -7.94
C LYS A 126 9.37 -0.32 -6.61
N ILE A 127 8.14 -0.39 -6.10
CA ILE A 127 7.80 0.34 -4.87
C ILE A 127 8.42 -0.31 -3.65
N LYS A 128 9.13 0.48 -2.88
CA LYS A 128 9.76 0.03 -1.67
C LYS A 128 9.08 0.53 -0.41
N VAL A 130 5.51 3.04 0.97
N VAL A 130 5.52 3.09 1.01
CA VAL A 130 4.41 4.00 0.85
CA VAL A 130 4.47 4.07 0.82
C VAL A 130 4.08 4.48 2.24
C VAL A 130 3.95 4.48 2.20
N ALA A 131 3.93 5.79 2.41
CA ALA A 131 3.57 6.38 3.68
C ALA A 131 2.47 7.41 3.51
N PHE A 132 1.59 7.48 4.50
CA PHE A 132 0.44 8.40 4.54
C PHE A 132 0.64 9.28 5.75
N ASP A 133 1.40 10.35 5.57
CA ASP A 133 1.88 11.21 6.67
C ASP A 133 1.84 10.49 8.02
N CYS B 1 -12.67 -1.85 5.64
CA CYS B 1 -12.95 -0.48 6.06
C CYS B 1 -11.63 0.34 6.17
N GLY B 2 -10.50 -0.35 6.24
CA GLY B 2 -9.18 0.26 6.17
C GLY B 2 -8.53 0.03 4.81
N LEU B 3 -7.24 0.35 4.76
CA LEU B 3 -6.46 0.22 3.54
C LEU B 3 -6.54 -1.19 2.97
N VAL B 4 -6.69 -1.31 1.64
CA VAL B 4 -6.63 -2.57 0.92
C VAL B 4 -5.55 -2.46 -0.12
N ALA B 5 -4.68 -3.42 -0.23
CA ALA B 5 -3.63 -3.38 -1.21
C ALA B 5 -3.55 -4.69 -1.95
N SER B 6 -3.32 -4.63 -3.26
N SER B 6 -3.25 -4.64 -3.24
CA SER B 6 -3.18 -5.80 -4.11
CA SER B 6 -3.11 -5.81 -4.07
C SER B 6 -1.91 -5.66 -4.95
C SER B 6 -1.90 -5.66 -4.95
N ASN B 7 -1.53 -6.77 -5.60
CA ASN B 7 -0.28 -6.84 -6.36
C ASN B 7 0.93 -6.58 -5.47
N LEU B 8 0.90 -7.05 -4.23
N LEU B 8 0.91 -7.06 -4.24
CA LEU B 8 2.04 -6.81 -3.35
CA LEU B 8 2.03 -6.80 -3.34
C LEU B 8 3.29 -7.52 -3.83
C LEU B 8 3.29 -7.53 -3.80
N ASN B 9 3.14 -8.68 -4.46
CA ASN B 9 4.27 -9.49 -4.95
C ASN B 9 5.30 -9.80 -3.87
N LEU B 10 4.84 -10.10 -2.65
CA LEU B 10 5.75 -10.52 -1.60
C LEU B 10 6.14 -11.98 -1.79
N LYS B 11 7.45 -12.29 -1.83
CA LYS B 11 7.92 -13.62 -2.06
C LYS B 11 8.55 -14.19 -0.80
N PRO B 12 8.81 -15.49 -0.78
CA PRO B 12 9.34 -16.12 0.43
C PRO B 12 10.63 -15.46 0.89
N GLY B 13 10.73 -15.25 2.19
CA GLY B 13 11.89 -14.63 2.78
C GLY B 13 11.89 -13.12 2.78
N GLU B 14 11.07 -12.49 1.97
CA GLU B 14 11.00 -11.03 1.94
C GLU B 14 10.24 -10.53 3.14
N LEU B 16 7.64 -7.80 4.94
CA LEU B 16 6.61 -6.79 4.80
C LEU B 16 6.49 -6.11 6.15
N ARG B 17 6.71 -4.80 6.24
CA ARG B 17 6.65 -4.06 7.50
C ARG B 17 5.47 -3.10 7.44
N VAL B 18 4.55 -3.22 8.36
CA VAL B 18 3.32 -2.45 8.39
C VAL B 18 3.26 -1.69 9.71
N ARG B 19 3.33 -0.35 9.66
N ARG B 19 3.26 -0.35 9.64
N ARG B 19 3.25 -0.37 9.63
CA ARG B 19 3.19 0.46 10.87
CA ARG B 19 3.22 0.55 10.80
CA ARG B 19 3.12 0.47 10.81
C ARG B 19 1.88 1.25 10.80
C ARG B 19 1.88 1.29 10.79
C ARG B 19 1.78 1.18 10.76
N GLY B 20 1.13 1.23 11.90
CA GLY B 20 -0.16 1.90 11.96
C GLY B 20 -0.49 2.38 13.37
N GLU B 21 -1.63 3.02 13.47
CA GLU B 21 -2.13 3.59 14.72
C GLU B 21 -3.27 2.74 15.24
N VAL B 22 -3.15 2.28 16.48
CA VAL B 22 -4.22 1.61 17.18
C VAL B 22 -5.12 2.68 17.80
N ALA B 23 -6.39 2.66 17.42
CA ALA B 23 -7.32 3.66 17.91
C ALA B 23 -7.33 3.71 19.44
N PRO B 24 -7.60 4.89 20.04
CA PRO B 24 -7.53 4.95 21.52
C PRO B 24 -8.62 4.17 22.22
N ASP B 25 -9.75 3.93 21.56
CA ASP B 25 -10.84 3.13 22.11
C ASP B 25 -10.84 1.72 21.53
N ALA B 26 -9.66 1.20 21.20
CA ALA B 26 -9.59 -0.01 20.40
C ALA B 26 -10.19 -1.19 21.14
N LYS B 27 -11.03 -1.97 20.44
CA LYS B 27 -11.42 -3.26 20.96
C LYS B 27 -10.83 -4.43 20.18
N SER B 28 -10.42 -4.20 18.94
CA SER B 28 -10.04 -5.27 18.03
C SER B 28 -9.48 -4.60 16.80
N PHE B 29 -8.48 -5.20 16.17
CA PHE B 29 -8.12 -4.81 14.82
C PHE B 29 -7.73 -6.04 14.03
N VAL B 30 -7.68 -5.87 12.71
CA VAL B 30 -7.41 -6.97 11.80
C VAL B 30 -6.44 -6.55 10.73
N LEU B 31 -5.44 -7.38 10.49
N LEU B 31 -5.51 -7.43 10.42
CA LEU B 31 -4.69 -7.39 9.24
CA LEU B 31 -4.68 -7.34 9.23
C LEU B 31 -4.97 -8.73 8.57
C LEU B 31 -4.78 -8.67 8.50
N ASN B 32 -5.38 -8.68 7.32
CA ASN B 32 -5.50 -9.86 6.47
C ASN B 32 -4.41 -9.86 5.43
N LEU B 33 -3.85 -11.03 5.14
N LEU B 33 -3.81 -11.02 5.19
CA LEU B 33 -2.87 -11.24 4.11
CA LEU B 33 -2.90 -11.21 4.09
C LEU B 33 -3.20 -12.50 3.34
C LEU B 33 -3.29 -12.47 3.34
N GLY B 34 -2.97 -12.50 2.04
CA GLY B 34 -3.14 -13.71 1.27
C GLY B 34 -3.03 -13.47 -0.22
N LYS B 35 -3.73 -14.33 -0.97
CA LYS B 35 -3.82 -14.24 -2.42
C LYS B 35 -4.82 -13.20 -2.83
N ASP B 36 -5.93 -13.10 -2.13
CA ASP B 36 -7.06 -12.23 -2.41
C ASP B 36 -7.99 -12.33 -1.20
N SER B 37 -9.11 -11.63 -1.24
CA SER B 37 -9.94 -11.50 -0.07
C SER B 37 -10.56 -12.84 0.37
N ASN B 38 -10.61 -13.83 -0.50
CA ASN B 38 -11.21 -15.11 -0.17
C ASN B 38 -10.20 -16.19 0.15
N ASN B 39 -8.93 -15.86 0.05
CA ASN B 39 -7.84 -16.85 0.20
C ASN B 39 -6.75 -16.19 1.04
N LEU B 40 -6.91 -16.28 2.35
CA LEU B 40 -6.05 -15.64 3.33
C LEU B 40 -5.11 -16.64 3.95
N CYS B 41 -3.81 -16.44 3.79
CA CYS B 41 -2.81 -17.05 4.65
C CYS B 41 -2.79 -16.59 6.05
N LEU B 42 -3.17 -15.38 6.33
CA LEU B 42 -3.13 -14.89 7.69
C LEU B 42 -4.25 -13.89 7.88
N HIS B 43 -5.19 -14.23 8.71
CA HIS B 43 -6.12 -13.29 9.32
C HIS B 43 -5.56 -13.07 10.72
N PHE B 44 -4.98 -11.91 10.96
CA PHE B 44 -4.26 -11.55 12.17
C PHE B 44 -5.16 -10.63 12.97
N ASN B 45 -5.65 -11.05 14.13
CA ASN B 45 -6.73 -10.35 14.81
C ASN B 45 -6.44 -10.19 16.29
N PRO B 46 -5.66 -9.17 16.65
CA PRO B 46 -5.54 -8.81 18.07
C PRO B 46 -6.87 -8.33 18.64
N ARG B 47 -7.29 -8.96 19.71
CA ARG B 47 -8.54 -8.66 20.40
C ARG B 47 -8.24 -8.11 21.78
N PHE B 48 -8.46 -6.80 21.94
CA PHE B 48 -8.33 -6.22 23.26
C PHE B 48 -9.49 -6.66 24.14
N ASN B 49 -10.71 -6.52 23.63
CA ASN B 49 -11.93 -6.97 24.31
C ASN B 49 -12.98 -7.15 23.22
N ALA B 50 -13.09 -8.37 22.69
CA ALA B 50 -13.99 -8.60 21.57
C ALA B 50 -14.21 -10.09 21.37
N HIS B 51 -15.39 -10.42 20.78
CA HIS B 51 -15.84 -11.77 20.49
C HIS B 51 -15.45 -12.79 21.55
N GLY B 52 -15.45 -12.35 22.81
CA GLY B 52 -15.23 -13.25 23.91
C GLY B 52 -13.80 -13.41 24.35
N ASP B 53 -12.91 -12.53 23.93
CA ASP B 53 -11.50 -12.61 24.23
C ASP B 53 -11.00 -11.30 24.80
N ALA B 54 -10.06 -11.40 25.73
CA ALA B 54 -9.37 -10.26 26.31
C ALA B 54 -7.87 -10.42 26.04
N ASN B 55 -7.26 -9.38 25.48
CA ASN B 55 -5.83 -9.33 25.22
C ASN B 55 -5.28 -10.64 24.65
N THR B 56 -5.88 -11.06 23.54
CA THR B 56 -5.47 -12.27 22.86
C THR B 56 -5.42 -12.01 21.36
N ILE B 57 -4.36 -12.49 20.73
CA ILE B 57 -4.26 -12.50 19.27
C ILE B 57 -4.87 -13.80 18.77
N VAL B 58 -5.86 -13.69 17.91
CA VAL B 58 -6.44 -14.81 17.20
C VAL B 58 -5.95 -14.77 15.76
N CYS B 59 -5.50 -15.89 15.27
CA CYS B 59 -5.10 -16.05 13.88
C CYS B 59 -5.90 -17.13 13.19
N ASN B 60 -6.16 -16.95 11.93
CA ASN B 60 -6.82 -17.96 11.15
C ASN B 60 -6.37 -17.84 9.69
N SER B 61 -6.80 -18.82 8.89
CA SER B 61 -6.68 -18.82 7.44
C SER B 61 -8.09 -18.81 6.83
N LYS B 62 -8.17 -18.55 5.53
CA LYS B 62 -9.43 -18.64 4.81
C LYS B 62 -9.10 -19.23 3.46
N ASP B 63 -9.78 -20.31 3.09
CA ASP B 63 -9.46 -21.06 1.89
C ASP B 63 -10.72 -21.13 1.03
N GLY B 64 -10.70 -20.48 -0.12
CA GLY B 64 -11.89 -20.43 -0.99
C GLY B 64 -13.12 -19.97 -0.25
N GLY B 65 -13.02 -18.98 0.61
CA GLY B 65 -14.13 -18.45 1.35
C GLY B 65 -14.43 -19.12 2.66
N ALA B 66 -13.78 -20.22 2.97
CA ALA B 66 -14.08 -20.98 4.19
C ALA B 66 -13.03 -20.72 5.25
N TRP B 67 -13.47 -20.20 6.41
CA TRP B 67 -12.53 -20.03 7.53
C TRP B 67 -11.94 -21.35 7.96
N GLY B 68 -10.65 -21.34 8.34
CA GLY B 68 -10.00 -22.47 8.96
C GLY B 68 -10.24 -22.49 10.45
N THR B 69 -9.37 -23.22 11.12
CA THR B 69 -9.42 -23.39 12.57
C THR B 69 -8.57 -22.31 13.22
N GLU B 70 -9.15 -21.57 14.15
CA GLU B 70 -8.44 -20.51 14.83
C GLU B 70 -7.29 -21.03 15.68
N GLN B 71 -6.22 -20.27 15.72
CA GLN B 71 -5.12 -20.45 16.63
C GLN B 71 -4.99 -19.22 17.52
N ARG B 72 -4.86 -19.43 18.82
CA ARG B 72 -4.73 -18.34 19.76
C ARG B 72 -3.30 -18.26 20.24
N GLU B 73 -2.73 -17.08 20.20
CA GLU B 73 -1.35 -16.87 20.60
C GLU B 73 -1.24 -16.61 22.11
N ALA B 74 0.00 -16.60 22.59
CA ALA B 74 0.31 -16.50 24.00
C ALA B 74 0.86 -15.13 24.39
N VAL B 75 0.98 -14.20 23.43
CA VAL B 75 1.58 -12.90 23.70
C VAL B 75 0.69 -11.79 23.15
N PHE B 76 0.84 -10.60 23.72
CA PHE B 76 -0.01 -9.48 23.33
C PHE B 76 0.67 -8.14 23.59
N PRO B 77 1.60 -7.71 22.76
CA PRO B 77 2.32 -6.45 22.98
C PRO B 77 1.67 -5.30 22.21
N PHE B 78 0.38 -5.08 22.48
CA PHE B 78 -0.37 -3.97 21.90
C PHE B 78 -1.13 -3.24 23.00
N GLN B 79 -1.22 -1.92 22.88
CA GLN B 79 -1.94 -1.04 23.81
C GLN B 79 -2.86 -0.17 22.97
N PRO B 80 -4.08 0.11 23.41
CA PRO B 80 -4.93 1.06 22.65
C PRO B 80 -4.27 2.43 22.59
N GLY B 81 -4.55 3.15 21.50
CA GLY B 81 -4.09 4.52 21.35
C GLY B 81 -2.60 4.70 21.17
N SER B 82 -1.92 3.74 20.55
CA SER B 82 -0.49 3.81 20.36
C SER B 82 -0.15 3.31 18.96
N VAL B 83 1.07 3.62 18.54
CA VAL B 83 1.58 3.15 17.25
C VAL B 83 2.03 1.71 17.40
N ALA B 84 1.82 0.90 16.38
CA ALA B 84 2.33 -0.46 16.38
C ALA B 84 2.85 -0.84 15.00
N GLU B 85 3.94 -1.59 14.98
CA GLU B 85 4.55 -2.11 13.77
C GLU B 85 4.52 -3.62 13.82
N VAL B 86 4.08 -4.25 12.72
CA VAL B 86 4.07 -5.71 12.58
C VAL B 86 4.88 -6.06 11.34
N ILE B 88 6.15 -9.15 8.73
CA ILE B 88 5.76 -10.47 8.30
C ILE B 88 6.66 -11.00 7.21
N THR B 89 7.03 -12.26 7.33
CA THR B 89 7.73 -13.01 6.30
C THR B 89 7.11 -14.39 6.25
N PHE B 90 7.35 -15.12 5.16
CA PHE B 90 6.83 -16.48 5.08
C PHE B 90 7.77 -17.36 4.30
N ASP B 91 7.58 -18.66 4.45
CA ASP B 91 8.30 -19.68 3.70
C ASP B 91 7.34 -20.82 3.41
N GLN B 92 7.88 -21.94 2.94
CA GLN B 92 7.06 -23.09 2.58
CA GLN B 92 7.02 -23.05 2.57
C GLN B 92 6.22 -23.57 3.75
N ALA B 93 6.76 -23.50 4.96
CA ALA B 93 6.08 -24.09 6.10
C ALA B 93 5.27 -23.09 6.92
N ASN B 94 5.77 -21.86 7.12
CA ASN B 94 5.19 -20.99 8.13
C ASN B 94 5.24 -19.54 7.70
N LEU B 95 4.27 -18.76 8.16
CA LEU B 95 4.47 -17.32 8.31
C LEU B 95 5.12 -17.06 9.63
N THR B 96 6.01 -16.11 9.65
CA THR B 96 6.64 -15.60 10.87
C THR B 96 6.18 -14.16 11.05
N VAL B 97 5.54 -13.90 12.17
CA VAL B 97 5.00 -12.60 12.50
C VAL B 97 5.81 -12.02 13.65
N LYS B 98 6.51 -10.93 13.40
CA LYS B 98 7.26 -10.19 14.42
C LYS B 98 6.46 -9.00 14.90
N LEU B 99 6.43 -8.80 16.20
CA LEU B 99 5.55 -7.86 16.87
C LEU B 99 6.41 -6.87 17.64
N PRO B 100 5.79 -5.86 18.24
CA PRO B 100 6.56 -4.94 19.08
C PRO B 100 7.19 -5.67 20.27
N ASP B 101 8.25 -5.05 20.81
CA ASP B 101 8.85 -5.47 22.07
C ASP B 101 9.54 -6.82 21.99
N GLY B 102 9.92 -7.25 20.80
CA GLY B 102 10.70 -8.46 20.64
C GLY B 102 9.91 -9.73 20.51
N TYR B 103 8.58 -9.66 20.53
CA TYR B 103 7.76 -10.86 20.44
C TYR B 103 7.69 -11.33 19.00
N GLU B 104 7.45 -12.62 18.83
CA GLU B 104 7.18 -13.17 17.51
C GLU B 104 6.49 -14.50 17.64
N PHE B 105 5.81 -14.92 16.59
CA PHE B 105 5.21 -16.25 16.56
C PHE B 105 5.14 -16.72 15.12
N LYS B 106 4.84 -18.01 14.96
CA LYS B 106 4.72 -18.63 13.66
C LYS B 106 3.28 -19.12 13.48
N PHE B 107 2.81 -19.09 12.26
CA PHE B 107 1.49 -19.60 11.92
C PHE B 107 1.67 -20.46 10.67
N PRO B 108 1.15 -21.68 10.63
CA PRO B 108 1.46 -22.55 9.47
C PRO B 108 0.95 -21.97 8.17
N ASN B 109 1.71 -22.17 7.10
CA ASN B 109 1.31 -21.76 5.75
C ASN B 109 0.34 -22.81 5.18
N ARG B 110 -0.91 -22.72 5.62
CA ARG B 110 -1.88 -23.77 5.36
C ARG B 110 -2.29 -23.84 3.90
N LEU B 111 -2.30 -22.72 3.20
N LEU B 111 -2.29 -22.73 3.20
CA LEU B 111 -2.65 -22.68 1.79
CA LEU B 111 -2.64 -22.70 1.79
C LEU B 111 -1.47 -23.00 0.88
C LEU B 111 -1.46 -23.00 0.88
N ASN B 112 -0.28 -23.19 1.44
CA ASN B 112 0.91 -23.44 0.64
C ASN B 112 1.16 -22.30 -0.34
N LEU B 113 0.95 -21.07 0.09
CA LEU B 113 1.18 -19.94 -0.81
C LEU B 113 2.67 -19.77 -1.07
N GLU B 114 3.00 -19.44 -2.31
N GLU B 114 2.98 -19.43 -2.31
CA GLU B 114 4.36 -19.07 -2.71
CA GLU B 114 4.35 -19.08 -2.70
C GLU B 114 4.49 -17.59 -3.06
C GLU B 114 4.52 -17.58 -2.90
N ALA B 115 3.44 -16.80 -2.81
CA ALA B 115 3.48 -15.36 -2.92
C ALA B 115 2.30 -14.79 -2.15
N ILE B 116 2.49 -13.62 -1.56
CA ILE B 116 1.42 -12.92 -0.88
C ILE B 116 1.15 -11.65 -1.70
N ASN B 117 -0.06 -11.54 -2.25
CA ASN B 117 -0.40 -10.45 -3.14
C ASN B 117 -1.44 -9.49 -2.59
N TYR B 118 -2.06 -9.78 -1.47
CA TYR B 118 -3.20 -9.04 -0.95
C TYR B 118 -3.00 -8.74 0.51
N MET B 119 -3.33 -7.52 0.92
CA MET B 119 -3.38 -7.14 2.30
C MET B 119 -4.56 -6.23 2.55
N ALA B 120 -5.18 -6.33 3.70
CA ALA B 120 -6.27 -5.44 4.05
C ALA B 120 -6.30 -5.21 5.54
N ALA B 121 -6.51 -4.00 5.98
CA ALA B 121 -6.68 -3.65 7.38
C ALA B 121 -8.16 -3.38 7.65
N ASP B 122 -8.60 -3.66 8.87
CA ASP B 122 -9.96 -3.38 9.28
C ASP B 122 -9.93 -3.18 10.80
N GLY B 123 -10.97 -2.56 11.32
CA GLY B 123 -11.02 -2.35 12.77
C GLY B 123 -10.19 -1.16 13.20
N ASP B 124 -9.67 -1.24 14.42
CA ASP B 124 -9.07 -0.05 15.02
C ASP B 124 -7.58 0.10 14.70
N PHE B 125 -7.22 -0.01 13.41
CA PHE B 125 -5.82 0.04 12.98
C PHE B 125 -5.67 0.84 11.67
N LYS B 126 -5.16 2.06 11.78
CA LYS B 126 -4.96 2.97 10.65
C LYS B 126 -3.53 2.80 10.14
N ILE B 127 -3.40 2.28 8.93
CA ILE B 127 -2.04 2.06 8.40
C ILE B 127 -1.43 3.39 8.01
N LYS B 128 -0.20 3.62 8.43
CA LYS B 128 0.55 4.82 8.17
C LYS B 128 1.71 4.57 7.23
N VAL B 130 3.72 1.29 4.79
N VAL B 130 3.71 1.25 4.82
CA VAL B 130 3.99 -0.09 4.34
CA VAL B 130 3.98 -0.14 4.47
C VAL B 130 5.30 -0.08 3.65
C VAL B 130 5.23 -0.16 3.60
N ALA B 131 6.19 -0.96 4.06
CA ALA B 131 7.50 -1.03 3.49
C ALA B 131 7.84 -2.45 3.11
N PHE B 132 8.60 -2.61 2.04
CA PHE B 132 9.02 -3.90 1.51
C PHE B 132 10.54 -3.98 1.58
N ASP B 133 11.05 -4.92 2.39
CA ASP B 133 12.46 -5.31 2.28
C ASP B 133 12.58 -6.53 1.37
#